data_7W6J
#
_entry.id   7W6J
#
_cell.length_a   75.487
_cell.length_b   44.297
_cell.length_c   119.384
_cell.angle_alpha   90.000
_cell.angle_beta   107.180
_cell.angle_gamma   90.000
#
_symmetry.space_group_name_H-M   'C 1 2 1'
#
loop_
_entity.id
_entity.type
_entity.pdbx_description
1 polymer 'Set1/Ash2 histone methyltransferase complex subunit ASH2'
2 polymer 'Histone-lysine N-methyltransferase 2A'
3 polymer 'Retinoblastoma-binding protein 5'
4 polymer 'Histone H3.3C'
5 non-polymer S-ADENOSYL-L-HOMOCYSTEINE
6 non-polymer 'ZINC ION'
7 water water
#
loop_
_entity_poly.entity_id
_entity_poly.type
_entity_poly.pdbx_seq_one_letter_code
_entity_poly.pdbx_strand_id
1 'polypeptide(L)'
;SRVLLALHDRAPQLKISDDRLTVVGEKGYSMVRASHGVRKGAWYFEITVDEMPPDTAARLGWSQPLGNLQAPLGYDKFSY
SWRSKKGTKFHQSIGKHYSSGYGQGDVLGFYINLPEDTISGRGSSEIIFYKNGVNQGVAYKDIFEGVYFPAISLYKSCTV
SINFGPCFKYPPKDLTYRPMSDMG
;
A
2 'polypeptide(L)'
;SDLPMPMRFRHLKKTSKEAVGVYRSPIHGRGLFCKRNIDAGEMVIEYAGIVIRSILTDKREKYYDSKGIGSSYMFRIDDS
EVVDATMHGNAARFINHSCEPNCYSRVINIDGQKHIVIFAMRKIYRGEELTYDYKFPIEDASNKLPCNCGAKKCRKFLN
;
C
3 'polypeptide(L)' SAFAPDFKELDENVEYEERESEFDIED F
4 'polypeptide(L)' ART(MLY)QTARK B
#
# COMPACT_ATOMS: atom_id res chain seq x y z
N SER A 1 14.16 -3.79 14.33
CA SER A 1 12.90 -4.41 13.83
C SER A 1 13.21 -5.69 13.07
N ARG A 2 14.05 -5.57 12.01
CA ARG A 2 14.65 -6.58 11.10
C ARG A 2 13.82 -6.80 9.83
N VAL A 3 14.50 -7.00 8.72
CA VAL A 3 13.85 -7.30 7.41
C VAL A 3 13.74 -8.81 7.29
N LEU A 4 12.53 -9.30 7.17
CA LEU A 4 12.25 -10.74 7.13
C LEU A 4 11.26 -11.04 6.02
N LEU A 5 10.98 -12.30 5.77
CA LEU A 5 9.87 -12.59 4.83
C LEU A 5 8.59 -12.14 5.51
N ALA A 6 7.67 -11.59 4.74
CA ALA A 6 6.43 -11.02 5.28
C ALA A 6 5.62 -12.10 6.00
N LEU A 7 5.05 -11.73 7.14
CA LEU A 7 4.27 -12.63 8.01
C LEU A 7 2.92 -12.93 7.40
N HIS A 8 2.23 -11.90 6.90
CA HIS A 8 0.94 -12.15 6.29
C HIS A 8 0.94 -12.01 4.78
N ASP A 9 1.78 -11.13 4.24
CA ASP A 9 1.79 -10.81 2.81
C ASP A 9 2.51 -11.93 2.05
N ARG A 10 1.84 -13.09 2.00
CA ARG A 10 2.46 -14.30 1.50
C ARG A 10 1.37 -15.26 1.03
N ALA A 11 1.71 -16.05 0.03
CA ALA A 11 0.82 -17.14 -0.37
C ALA A 11 0.76 -18.16 0.76
N PRO A 12 -0.43 -18.51 1.26
CA PRO A 12 -0.50 -19.30 2.50
C PRO A 12 0.05 -20.71 2.38
N GLN A 13 0.23 -21.24 1.18
CA GLN A 13 0.73 -22.60 1.02
C GLN A 13 2.24 -22.71 1.03
N LEU A 14 2.95 -21.58 1.10
CA LEU A 14 4.41 -21.61 1.09
C LEU A 14 4.95 -22.01 2.46
N LYS A 15 5.91 -22.94 2.46
CA LYS A 15 6.56 -23.37 3.70
C LYS A 15 7.62 -22.36 4.09
N ILE A 16 7.33 -21.54 5.08
CA ILE A 16 8.28 -20.55 5.59
C ILE A 16 8.74 -21.01 6.97
N SER A 17 10.06 -21.13 7.13
CA SER A 17 10.62 -21.55 8.40
C SER A 17 10.44 -20.47 9.46
N ASP A 18 10.64 -20.86 10.72
CA ASP A 18 10.34 -19.97 11.84
C ASP A 18 11.22 -18.73 11.83
N ASP A 19 12.46 -18.85 11.34
CA ASP A 19 13.32 -17.67 11.22
C ASP A 19 12.85 -16.72 10.13
N ARG A 20 11.92 -17.14 9.28
CA ARG A 20 11.35 -16.31 8.22
C ARG A 20 12.41 -15.86 7.22
N LEU A 21 13.41 -16.70 6.98
CA LEU A 21 14.39 -16.48 5.93
C LEU A 21 14.51 -17.64 4.96
N THR A 22 13.97 -18.81 5.27
CA THR A 22 13.96 -19.97 4.39
C THR A 22 12.52 -20.26 3.99
N VAL A 23 12.29 -20.50 2.71
CA VAL A 23 10.97 -20.79 2.18
C VAL A 23 11.05 -21.99 1.24
N VAL A 24 10.13 -22.92 1.46
CA VAL A 24 10.02 -24.13 0.61
C VAL A 24 8.79 -23.95 -0.26
N GLY A 25 8.88 -24.31 -1.53
CA GLY A 25 7.78 -24.18 -2.50
C GLY A 25 6.73 -25.26 -2.39
N GLU A 26 5.52 -24.97 -2.82
CA GLU A 26 4.45 -26.00 -2.80
C GLU A 26 3.63 -25.93 -4.07
N LYS A 27 3.64 -26.97 -4.88
CA LYS A 27 2.84 -27.07 -6.12
C LYS A 27 3.10 -25.91 -7.08
N GLY A 28 2.02 -25.29 -7.51
CA GLY A 28 2.04 -24.18 -8.47
C GLY A 28 2.67 -22.94 -7.92
N TYR A 29 3.32 -22.17 -8.80
CA TYR A 29 4.01 -20.91 -8.50
C TYR A 29 3.19 -20.00 -7.58
N SER A 30 3.76 -19.64 -6.44
CA SER A 30 3.16 -18.76 -5.45
C SER A 30 4.27 -17.90 -4.86
N MET A 31 3.92 -16.69 -4.45
CA MET A 31 4.88 -15.66 -4.08
C MET A 31 4.98 -15.49 -2.57
N VAL A 32 6.10 -14.95 -2.12
CA VAL A 32 6.21 -14.32 -0.82
C VAL A 32 7.09 -13.08 -0.96
N ARG A 33 6.68 -11.99 -0.31
CA ARG A 33 7.45 -10.75 -0.31
C ARG A 33 8.17 -10.58 1.02
N ALA A 34 9.11 -9.64 1.03
CA ALA A 34 9.81 -9.27 2.26
C ALA A 34 8.97 -8.27 3.05
N SER A 35 9.37 -8.07 4.30
CA SER A 35 8.62 -7.16 5.17
C SER A 35 8.82 -5.70 4.81
N HIS A 36 9.89 -5.36 4.10
CA HIS A 36 10.22 -3.97 3.80
C HIS A 36 10.46 -3.81 2.31
N GLY A 37 9.99 -2.69 1.75
CA GLY A 37 10.22 -2.34 0.38
C GLY A 37 10.96 -1.01 0.28
N VAL A 38 11.36 -0.67 -0.94
CA VAL A 38 12.17 0.52 -1.20
C VAL A 38 11.52 1.34 -2.30
N ARG A 39 11.63 2.66 -2.19
CA ARG A 39 11.10 3.58 -3.20
C ARG A 39 12.15 4.47 -3.83
N LYS A 40 13.35 4.57 -3.25
CA LYS A 40 14.41 5.39 -3.81
C LYS A 40 15.75 4.88 -3.30
N GLY A 41 16.78 5.07 -4.11
CA GLY A 41 18.12 4.64 -3.77
C GLY A 41 18.54 3.38 -4.51
N ALA A 42 19.64 2.81 -4.03
CA ALA A 42 20.20 1.57 -4.57
C ALA A 42 20.27 0.55 -3.45
N TRP A 43 19.64 -0.61 -3.66
CA TRP A 43 19.51 -1.62 -2.61
C TRP A 43 19.84 -3.00 -3.17
N TYR A 44 20.16 -3.91 -2.27
CA TYR A 44 20.70 -5.21 -2.64
C TYR A 44 20.27 -6.26 -1.63
N PHE A 45 20.11 -7.49 -2.10
CA PHE A 45 19.89 -8.64 -1.24
C PHE A 45 20.29 -9.89 -2.00
N GLU A 46 20.53 -10.97 -1.26
CA GLU A 46 20.98 -12.23 -1.83
C GLU A 46 19.96 -13.33 -1.54
N ILE A 47 19.88 -14.29 -2.46
CA ILE A 47 19.08 -15.49 -2.29
C ILE A 47 19.96 -16.69 -2.63
N THR A 48 19.97 -17.69 -1.76
CA THR A 48 20.72 -18.91 -1.96
C THR A 48 19.75 -20.05 -2.22
N VAL A 49 19.90 -20.71 -3.37
CA VAL A 49 19.12 -21.91 -3.66
C VAL A 49 19.68 -23.05 -2.83
N ASP A 50 18.98 -23.39 -1.73
CA ASP A 50 19.46 -24.46 -0.87
C ASP A 50 19.24 -25.82 -1.52
N GLU A 51 18.10 -26.01 -2.17
CA GLU A 51 17.75 -27.30 -2.74
C GLU A 51 16.80 -27.09 -3.92
N MET A 52 17.16 -27.66 -5.07
CA MET A 52 16.35 -27.58 -6.29
C MET A 52 16.22 -28.97 -6.88
N PRO A 53 15.28 -29.78 -6.36
CA PRO A 53 15.09 -31.14 -6.90
C PRO A 53 14.55 -31.10 -8.31
N PRO A 54 14.45 -32.26 -8.98
CA PRO A 54 13.94 -32.28 -10.35
C PRO A 54 12.52 -31.71 -10.45
N ASP A 55 12.26 -31.08 -11.60
CA ASP A 55 10.96 -30.46 -11.90
C ASP A 55 10.55 -29.46 -10.81
N THR A 56 11.45 -28.57 -10.45
CA THR A 56 11.15 -27.47 -9.50
C THR A 56 11.86 -26.23 -10.02
N ALA A 57 11.28 -25.06 -9.83
CA ALA A 57 11.85 -23.85 -10.38
C ALA A 57 11.61 -22.66 -9.46
N ALA A 58 12.35 -21.60 -9.65
CA ALA A 58 12.17 -20.36 -8.88
C ALA A 58 12.22 -19.15 -9.82
N ARG A 59 11.39 -18.17 -9.57
CA ARG A 59 11.50 -16.89 -10.27
C ARG A 59 11.73 -15.88 -9.16
N LEU A 60 12.86 -15.20 -9.16
CA LEU A 60 13.25 -14.32 -8.03
C LEU A 60 13.41 -12.88 -8.50
N GLY A 61 13.26 -11.91 -7.62
CA GLY A 61 13.32 -10.52 -8.06
C GLY A 61 12.55 -9.55 -7.19
N TRP A 62 12.00 -8.51 -7.79
CA TRP A 62 11.36 -7.41 -7.06
C TRP A 62 9.88 -7.29 -7.38
N SER A 63 9.07 -7.00 -6.38
CA SER A 63 7.61 -6.87 -6.60
C SER A 63 7.04 -5.65 -5.90
N GLN A 64 6.07 -5.02 -6.54
CA GLN A 64 5.27 -3.96 -5.91
C GLN A 64 4.22 -4.65 -5.04
N PRO A 65 3.58 -3.97 -4.09
CA PRO A 65 2.63 -4.62 -3.22
C PRO A 65 1.41 -5.32 -3.84
N LEU A 66 1.02 -4.93 -5.05
CA LEU A 66 -0.12 -5.51 -5.78
C LEU A 66 0.24 -6.71 -6.65
N GLY A 67 1.48 -7.17 -6.71
CA GLY A 67 1.79 -8.33 -7.56
C GLY A 67 1.07 -9.59 -7.12
N ASN A 68 0.55 -10.41 -8.01
CA ASN A 68 -0.20 -11.59 -7.55
C ASN A 68 0.66 -12.62 -6.81
N LEU A 69 0.23 -12.97 -5.60
CA LEU A 69 0.81 -13.95 -4.67
C LEU A 69 0.55 -15.37 -5.13
N GLN A 70 -0.52 -15.58 -5.86
CA GLN A 70 -0.93 -16.92 -6.36
C GLN A 70 -0.52 -17.07 -7.82
N ALA A 71 0.50 -16.34 -8.22
CA ALA A 71 1.05 -16.41 -9.58
C ALA A 71 2.56 -16.32 -9.49
N PRO A 72 3.30 -16.58 -10.57
CA PRO A 72 4.73 -16.41 -10.53
C PRO A 72 5.17 -14.94 -10.41
N LEU A 73 6.35 -14.71 -9.89
CA LEU A 73 6.86 -13.34 -9.85
C LEU A 73 7.09 -12.94 -11.30
N GLY A 74 6.72 -11.72 -11.67
CA GLY A 74 6.87 -11.28 -13.06
C GLY A 74 5.66 -11.56 -13.91
N TYR A 75 4.60 -12.11 -13.33
CA TYR A 75 3.34 -12.44 -14.03
C TYR A 75 2.63 -11.18 -14.50
N ASP A 76 2.67 -10.15 -13.69
CA ASP A 76 1.97 -8.90 -14.04
C ASP A 76 2.97 -7.75 -14.21
N LYS A 77 2.46 -6.54 -14.15
CA LYS A 77 3.22 -5.30 -14.30
C LYS A 77 3.86 -4.89 -12.99
N PHE A 78 3.56 -5.59 -11.89
CA PHE A 78 4.12 -5.24 -10.58
C PHE A 78 5.41 -6.01 -10.27
N SER A 79 5.82 -6.98 -11.07
CA SER A 79 7.05 -7.70 -10.70
C SER A 79 7.93 -7.96 -11.91
N TYR A 80 9.24 -8.03 -11.68
CA TYR A 80 10.23 -8.41 -12.71
C TYR A 80 10.99 -9.60 -12.11
N SER A 81 11.09 -10.70 -12.84
CA SER A 81 11.74 -11.87 -12.21
C SER A 81 12.83 -12.48 -13.06
N TRP A 82 13.64 -13.25 -12.39
CA TRP A 82 14.73 -14.02 -12.99
C TRP A 82 14.39 -15.47 -12.76
N ARG A 83 14.23 -16.26 -13.81
CA ARG A 83 13.85 -17.69 -13.71
C ARG A 83 15.08 -18.59 -13.63
N SER A 84 15.01 -19.57 -12.75
CA SER A 84 16.10 -20.54 -12.50
C SER A 84 16.36 -21.36 -13.76
N LYS A 85 15.31 -21.79 -14.44
CA LYS A 85 15.51 -22.58 -15.66
C LYS A 85 15.70 -21.63 -16.83
N LYS A 86 16.86 -21.74 -17.48
CA LYS A 86 17.31 -21.04 -18.69
C LYS A 86 17.72 -19.60 -18.45
N GLY A 87 17.64 -19.09 -17.23
CA GLY A 87 17.99 -17.70 -16.88
C GLY A 87 17.08 -16.70 -17.53
N THR A 88 15.84 -17.07 -17.76
CA THR A 88 14.84 -16.22 -18.41
C THR A 88 14.44 -15.08 -17.48
N LYS A 89 14.14 -13.93 -18.04
CA LYS A 89 13.66 -12.76 -17.28
C LYS A 89 12.19 -12.58 -17.60
N PHE A 90 11.35 -12.38 -16.59
CA PHE A 90 9.89 -12.25 -16.85
C PHE A 90 9.29 -10.99 -16.24
N HIS A 91 8.57 -10.26 -17.07
CA HIS A 91 7.79 -9.09 -16.64
C HIS A 91 6.51 -9.13 -17.46
N GLN A 92 5.35 -9.06 -16.83
CA GLN A 92 4.02 -9.10 -17.49
C GLN A 92 3.81 -10.42 -18.22
N SER A 93 4.36 -11.51 -17.71
CA SER A 93 4.26 -12.89 -18.23
C SER A 93 4.98 -13.07 -19.55
N ILE A 94 5.91 -12.20 -19.89
CA ILE A 94 6.67 -12.35 -21.14
C ILE A 94 8.09 -12.73 -20.76
N GLY A 95 8.58 -13.85 -21.25
CA GLY A 95 9.94 -14.26 -20.90
C GLY A 95 10.89 -13.90 -22.00
N LYS A 96 11.99 -13.27 -21.66
CA LYS A 96 12.97 -12.88 -22.68
C LYS A 96 14.34 -13.43 -22.30
N HIS A 97 15.21 -13.51 -23.27
CA HIS A 97 16.58 -14.00 -23.05
C HIS A 97 17.28 -13.05 -22.11
N TYR A 98 17.98 -13.59 -21.13
CA TYR A 98 18.72 -12.75 -20.19
C TYR A 98 20.08 -13.38 -19.95
N SER A 99 20.12 -14.52 -19.29
CA SER A 99 21.42 -15.11 -18.89
C SER A 99 21.36 -16.62 -18.87
N SER A 100 22.34 -17.26 -18.29
CA SER A 100 22.30 -18.74 -18.17
C SER A 100 21.50 -19.10 -16.93
N GLY A 101 21.01 -20.32 -16.81
CA GLY A 101 20.21 -20.70 -15.64
C GLY A 101 20.96 -20.81 -14.33
N TYR A 102 20.25 -20.72 -13.22
CA TYR A 102 20.91 -20.86 -11.90
C TYR A 102 20.29 -22.04 -11.17
N GLY A 103 21.12 -22.83 -10.53
CA GLY A 103 20.66 -24.04 -9.84
C GLY A 103 20.97 -24.09 -8.37
N GLN A 104 20.93 -25.29 -7.84
CA GLN A 104 21.14 -25.57 -6.41
C GLN A 104 22.54 -25.19 -5.99
N GLY A 105 22.66 -24.45 -4.90
CA GLY A 105 23.92 -23.95 -4.33
C GLY A 105 24.30 -22.60 -4.85
N ASP A 106 23.70 -22.16 -5.94
CA ASP A 106 23.99 -20.85 -6.55
C ASP A 106 23.45 -19.77 -5.64
N VAL A 107 24.18 -18.69 -5.55
CA VAL A 107 23.79 -17.52 -4.74
C VAL A 107 23.48 -16.42 -5.74
N LEU A 108 22.28 -15.91 -5.67
CA LEU A 108 21.81 -14.91 -6.63
C LEU A 108 21.73 -13.55 -5.95
N GLY A 109 22.13 -12.50 -6.65
CA GLY A 109 22.11 -11.13 -6.14
C GLY A 109 21.12 -10.29 -6.88
N PHE A 110 20.31 -9.55 -6.15
CA PHE A 110 19.28 -8.66 -6.70
C PHE A 110 19.58 -7.22 -6.33
N TYR A 111 19.80 -6.42 -7.36
CA TYR A 111 20.17 -5.00 -7.25
C TYR A 111 19.06 -4.16 -7.83
N ILE A 112 18.70 -3.09 -7.16
CA ILE A 112 17.70 -2.20 -7.75
C ILE A 112 18.20 -0.79 -7.55
N ASN A 113 18.00 0.05 -8.54
CA ASN A 113 18.39 1.45 -8.35
C ASN A 113 17.15 2.28 -8.64
N LEU A 114 16.65 3.01 -7.66
CA LEU A 114 15.48 3.87 -7.91
C LEU A 114 15.91 5.29 -7.63
N PRO A 115 16.32 6.08 -8.61
CA PRO A 115 16.76 7.44 -8.38
C PRO A 115 15.62 8.40 -8.02
N GLU A 116 15.98 9.50 -7.39
CA GLU A 116 15.03 10.56 -6.96
C GLU A 116 14.48 11.25 -8.20
N SER A 124 16.40 6.12 -15.73
CA SER A 124 17.64 5.88 -14.97
C SER A 124 17.42 4.73 -13.99
N SER A 125 16.20 4.23 -13.86
CA SER A 125 15.95 3.09 -12.94
C SER A 125 16.41 1.77 -13.58
N GLU A 126 16.97 0.89 -12.77
CA GLU A 126 17.55 -0.37 -13.25
C GLU A 126 17.35 -1.55 -12.30
N ILE A 127 17.26 -2.73 -12.88
CA ILE A 127 17.26 -3.98 -12.08
C ILE A 127 18.44 -4.76 -12.62
N ILE A 128 19.37 -5.17 -11.76
CA ILE A 128 20.52 -5.98 -12.21
C ILE A 128 20.56 -7.27 -11.38
N PHE A 129 20.63 -8.41 -12.03
CA PHE A 129 20.69 -9.75 -11.38
C PHE A 129 22.16 -10.19 -11.28
N TYR A 130 22.53 -10.92 -10.24
CA TYR A 130 23.92 -11.38 -10.04
C TYR A 130 23.97 -12.89 -9.80
N LYS A 131 24.94 -13.58 -10.41
CA LYS A 131 25.12 -15.03 -10.18
C LYS A 131 26.50 -15.22 -9.56
N ASN A 132 26.54 -15.54 -8.27
CA ASN A 132 27.77 -15.73 -7.47
C ASN A 132 28.67 -14.49 -7.56
N GLY A 133 28.06 -13.31 -7.49
CA GLY A 133 28.73 -12.01 -7.50
C GLY A 133 29.04 -11.45 -8.86
N VAL A 134 28.76 -12.19 -9.91
CA VAL A 134 29.02 -11.72 -11.30
C VAL A 134 27.76 -11.10 -11.87
N ASN A 135 27.90 -9.93 -12.47
CA ASN A 135 26.81 -9.14 -13.08
C ASN A 135 26.32 -9.90 -14.31
N GLN A 136 25.02 -10.14 -14.37
CA GLN A 136 24.38 -10.87 -15.47
C GLN A 136 23.85 -9.88 -16.50
N GLY A 137 24.01 -8.59 -16.22
CA GLY A 137 23.59 -7.54 -17.14
C GLY A 137 22.40 -6.80 -16.64
N VAL A 138 22.10 -5.66 -17.23
CA VAL A 138 20.86 -4.96 -16.83
C VAL A 138 19.72 -5.79 -17.35
N ALA A 139 18.74 -6.07 -16.52
CA ALA A 139 17.60 -6.87 -17.00
C ALA A 139 16.45 -5.94 -17.35
N TYR A 140 16.18 -4.97 -16.50
CA TYR A 140 15.08 -4.01 -16.71
C TYR A 140 15.55 -2.59 -16.45
N LYS A 141 15.14 -1.68 -17.30
CA LYS A 141 15.54 -0.26 -17.29
C LYS A 141 14.27 0.57 -17.31
N ASP A 142 14.25 1.71 -16.63
CA ASP A 142 13.08 2.62 -16.65
C ASP A 142 11.81 1.91 -16.24
N ILE A 143 11.84 1.32 -15.05
CA ILE A 143 10.74 0.50 -14.49
C ILE A 143 9.61 1.38 -13.91
N PHE A 144 8.50 0.74 -13.56
CA PHE A 144 7.31 1.40 -12.98
C PHE A 144 7.64 1.99 -11.62
N GLU A 145 7.09 3.17 -11.34
CA GLU A 145 7.33 3.89 -10.06
C GLU A 145 6.50 3.25 -8.97
N GLY A 146 7.10 3.06 -7.81
CA GLY A 146 6.41 2.46 -6.67
C GLY A 146 7.40 1.90 -5.68
N VAL A 147 6.88 1.21 -4.69
CA VAL A 147 7.70 0.55 -3.64
C VAL A 147 8.02 -0.86 -4.12
N TYR A 148 9.28 -1.26 -4.05
CA TYR A 148 9.64 -2.61 -4.48
C TYR A 148 10.14 -3.43 -3.31
N PHE A 149 9.59 -4.60 -3.17
CA PHE A 149 10.00 -5.49 -2.08
C PHE A 149 10.70 -6.68 -2.67
N PRO A 150 11.74 -7.22 -2.04
CA PRO A 150 12.34 -8.45 -2.46
C PRO A 150 11.26 -9.53 -2.46
N ALA A 151 11.20 -10.33 -3.52
CA ALA A 151 10.12 -11.33 -3.61
C ALA A 151 10.62 -12.69 -4.09
N ILE A 152 9.96 -13.75 -3.65
CA ILE A 152 10.31 -15.12 -4.08
C ILE A 152 9.07 -15.84 -4.62
N SER A 153 9.14 -16.39 -5.83
CA SER A 153 8.06 -17.26 -6.37
C SER A 153 8.68 -18.62 -6.61
N LEU A 154 8.07 -19.68 -6.12
CA LEU A 154 8.66 -21.01 -6.30
C LEU A 154 7.65 -21.95 -6.96
N TYR A 155 8.14 -22.79 -7.85
CA TYR A 155 7.28 -23.81 -8.49
C TYR A 155 7.71 -25.13 -7.91
N LYS A 156 6.85 -25.70 -7.07
CA LYS A 156 7.02 -27.01 -6.41
C LYS A 156 8.02 -26.94 -5.25
N SER A 157 8.31 -28.07 -4.67
CA SER A 157 9.11 -28.14 -3.44
C SER A 157 10.61 -27.85 -3.59
N CYS A 158 11.00 -26.62 -3.85
CA CYS A 158 12.43 -26.28 -3.82
C CYS A 158 12.68 -25.33 -2.65
N THR A 159 13.90 -25.28 -2.15
CA THR A 159 14.21 -24.44 -0.98
C THR A 159 15.20 -23.34 -1.31
N VAL A 160 14.82 -22.13 -0.94
CA VAL A 160 15.73 -21.00 -1.06
C VAL A 160 15.77 -20.26 0.26
N SER A 161 16.89 -19.58 0.50
CA SER A 161 17.09 -18.78 1.71
C SER A 161 17.48 -17.37 1.31
N ILE A 162 16.82 -16.38 1.91
CA ILE A 162 17.05 -14.98 1.57
C ILE A 162 17.96 -14.35 2.60
N ASN A 163 18.86 -13.48 2.14
CA ASN A 163 19.81 -12.77 2.99
C ASN A 163 19.77 -11.30 2.62
N PHE A 164 19.23 -10.47 3.51
CA PHE A 164 19.09 -9.05 3.26
C PHE A 164 20.33 -8.25 3.64
N GLY A 165 21.30 -8.86 4.31
CA GLY A 165 22.49 -8.17 4.75
C GLY A 165 22.67 -8.25 6.25
N PRO A 166 23.56 -7.42 6.80
CA PRO A 166 24.40 -6.43 6.11
C PRO A 166 25.55 -7.05 5.32
N CYS A 167 25.95 -8.28 5.67
CA CYS A 167 27.03 -8.97 5.00
C CYS A 167 26.48 -9.92 3.95
N PHE A 168 27.00 -9.82 2.72
CA PHE A 168 26.62 -10.70 1.63
C PHE A 168 27.79 -11.60 1.28
N LYS A 169 27.49 -12.80 0.80
CA LYS A 169 28.54 -13.77 0.52
C LYS A 169 29.38 -13.37 -0.69
N TYR A 170 28.75 -12.79 -1.71
CA TYR A 170 29.43 -12.37 -2.93
C TYR A 170 29.07 -10.91 -3.20
N PRO A 171 29.73 -9.97 -2.53
CA PRO A 171 29.46 -8.55 -2.79
C PRO A 171 29.92 -8.16 -4.19
N PRO A 172 29.04 -7.51 -4.96
CA PRO A 172 29.40 -7.17 -6.34
C PRO A 172 30.58 -6.21 -6.40
N LYS A 173 31.48 -6.47 -7.34
CA LYS A 173 32.64 -5.61 -7.54
C LYS A 173 32.20 -4.28 -8.14
N ASP A 174 32.70 -3.18 -7.57
CA ASP A 174 32.51 -1.84 -8.11
C ASP A 174 31.03 -1.53 -8.31
N LEU A 175 30.24 -1.73 -7.26
CA LEU A 175 28.82 -1.42 -7.29
C LEU A 175 28.42 -0.78 -5.98
N THR A 176 27.77 0.38 -6.05
CA THR A 176 27.34 1.11 -4.89
C THR A 176 25.89 0.76 -4.56
N TYR A 177 25.63 0.44 -3.30
CA TYR A 177 24.30 0.04 -2.86
C TYR A 177 24.25 0.11 -1.34
N ARG A 178 23.04 -0.06 -0.82
CA ARG A 178 22.79 -0.26 0.60
C ARG A 178 22.13 -1.61 0.81
N PRO A 179 22.50 -2.35 1.85
CA PRO A 179 21.84 -3.63 2.11
C PRO A 179 20.38 -3.41 2.49
N MET A 180 19.52 -4.33 2.05
CA MET A 180 18.10 -4.24 2.38
C MET A 180 17.87 -4.25 3.88
N SER A 181 18.79 -4.82 4.66
CA SER A 181 18.67 -4.83 6.10
C SER A 181 18.71 -3.43 6.71
N ASP A 182 19.18 -2.43 5.95
CA ASP A 182 19.18 -1.05 6.44
C ASP A 182 17.77 -0.53 6.66
N MET A 183 16.76 -1.17 6.06
CA MET A 183 15.38 -0.73 6.24
C MET A 183 14.86 -1.08 7.63
N GLY A 184 15.34 -2.18 8.21
CA GLY A 184 14.86 -2.64 9.50
C GLY A 184 15.07 -1.66 10.64
N ASP B 2 -13.38 1.20 29.96
CA ASP B 2 -13.56 1.18 28.51
C ASP B 2 -12.48 0.36 27.82
N LEU B 3 -12.69 0.05 26.55
CA LEU B 3 -11.73 -0.86 25.95
C LEU B 3 -10.60 -0.03 25.32
N PRO B 4 -9.32 -0.41 25.43
CA PRO B 4 -8.26 0.47 24.92
C PRO B 4 -8.41 0.77 23.44
N MET B 5 -8.04 1.99 23.05
CA MET B 5 -8.18 2.46 21.67
C MET B 5 -7.61 1.49 20.64
N PRO B 6 -6.37 0.99 20.76
CA PRO B 6 -5.87 0.06 19.73
C PRO B 6 -6.70 -1.20 19.60
N MET B 7 -7.31 -1.67 20.68
CA MET B 7 -8.21 -2.81 20.59
C MET B 7 -9.50 -2.42 19.88
N ARG B 8 -10.06 -1.27 20.25
CA ARG B 8 -11.22 -0.75 19.54
C ARG B 8 -10.87 -0.42 18.09
N PHE B 9 -9.65 0.09 17.86
CA PHE B 9 -9.31 0.59 16.52
C PHE B 9 -9.19 -0.55 15.51
N ARG B 10 -8.42 -1.59 15.83
CA ARG B 10 -8.23 -2.64 14.83
C ARG B 10 -9.32 -3.69 14.87
N HIS B 11 -10.26 -3.62 15.83
CA HIS B 11 -11.50 -4.36 15.65
C HIS B 11 -12.33 -3.72 14.54
N LEU B 12 -12.27 -2.39 14.42
CA LEU B 12 -12.85 -1.71 13.27
C LEU B 12 -12.27 -2.23 11.97
N LYS B 13 -10.93 -2.22 11.85
CA LYS B 13 -10.29 -2.66 10.62
C LYS B 13 -10.61 -4.11 10.30
N LYS B 14 -10.96 -4.90 11.30
CA LYS B 14 -11.27 -6.31 11.09
C LYS B 14 -12.75 -6.59 10.92
N THR B 15 -13.62 -5.58 11.06
CA THR B 15 -15.05 -5.78 10.85
C THR B 15 -15.69 -4.73 9.96
N SER B 16 -14.92 -3.76 9.47
CA SER B 16 -15.49 -2.62 8.76
C SER B 16 -16.03 -3.02 7.40
N LYS B 17 -15.24 -3.78 6.62
CA LYS B 17 -15.66 -4.15 5.27
C LYS B 17 -17.00 -4.87 5.28
N GLU B 18 -17.33 -5.56 6.37
CA GLU B 18 -18.54 -6.34 6.43
C GLU B 18 -19.76 -5.52 6.85
N ALA B 19 -19.56 -4.37 7.50
CA ALA B 19 -20.65 -3.57 8.02
C ALA B 19 -21.10 -2.46 7.07
N VAL B 20 -20.31 -2.12 6.06
CA VAL B 20 -20.61 -1.01 5.17
C VAL B 20 -20.52 -1.46 3.73
N GLY B 21 -21.14 -0.67 2.85
CA GLY B 21 -21.09 -0.90 1.42
C GLY B 21 -21.34 0.39 0.67
N VAL B 22 -20.84 0.44 -0.56
CA VAL B 22 -20.95 1.63 -1.40
C VAL B 22 -22.11 1.41 -2.36
N TYR B 23 -23.20 2.14 -2.17
CA TYR B 23 -24.37 2.07 -3.03
C TYR B 23 -24.64 3.43 -3.66
N ARG B 24 -25.77 3.52 -4.35
CA ARG B 24 -26.22 4.73 -5.02
C ARG B 24 -27.09 5.53 -4.05
N SER B 25 -26.85 6.84 -4.00
CA SER B 25 -27.40 7.63 -2.90
C SER B 25 -28.52 8.56 -3.36
N PRO B 26 -29.52 8.79 -2.49
CA PRO B 26 -30.48 9.87 -2.76
C PRO B 26 -29.93 11.25 -2.45
N ILE B 27 -28.83 11.35 -1.70
CA ILE B 27 -28.23 12.64 -1.39
C ILE B 27 -27.40 13.15 -2.56
N HIS B 28 -26.41 12.36 -2.96
CA HIS B 28 -25.55 12.71 -4.10
C HIS B 28 -24.81 11.47 -4.56
N GLY B 29 -24.81 11.25 -5.87
CA GLY B 29 -24.04 10.20 -6.51
C GLY B 29 -24.08 8.85 -5.82
N ARG B 30 -22.95 8.46 -5.25
CA ARG B 30 -22.78 7.18 -4.60
C ARG B 30 -22.37 7.41 -3.14
N GLY B 31 -22.99 6.65 -2.23
CA GLY B 31 -22.80 6.87 -0.81
C GLY B 31 -22.40 5.59 -0.09
N LEU B 32 -21.98 5.77 1.16
CA LEU B 32 -21.67 4.66 2.04
C LEU B 32 -22.89 4.32 2.87
N PHE B 33 -23.28 3.04 2.86
CA PHE B 33 -24.53 2.60 3.46
C PHE B 33 -24.27 1.58 4.56
N CYS B 34 -25.20 1.53 5.51
CA CYS B 34 -25.10 0.67 6.67
C CYS B 34 -25.65 -0.71 6.32
N LYS B 35 -24.81 -1.74 6.47
CA LYS B 35 -25.20 -3.11 6.13
C LYS B 35 -25.59 -3.94 7.34
N ARG B 36 -25.15 -3.57 8.54
CA ARG B 36 -25.61 -4.21 9.76
C ARG B 36 -25.80 -3.15 10.84
N ASN B 37 -26.75 -3.39 11.74
CA ASN B 37 -27.06 -2.43 12.79
C ASN B 37 -25.81 -2.07 13.58
N ILE B 38 -25.57 -0.76 13.73
CA ILE B 38 -24.39 -0.25 14.43
C ILE B 38 -24.87 0.52 15.66
N ASP B 39 -24.34 0.14 16.82
CA ASP B 39 -24.75 0.76 18.07
C ASP B 39 -24.10 2.14 18.22
N ALA B 40 -24.70 2.94 19.12
CA ALA B 40 -24.26 4.31 19.31
C ALA B 40 -22.86 4.37 19.89
N GLY B 41 -22.04 5.27 19.35
CA GLY B 41 -20.68 5.45 19.81
C GLY B 41 -19.67 4.48 19.23
N GLU B 42 -20.11 3.50 18.44
CA GLU B 42 -19.20 2.54 17.86
C GLU B 42 -18.46 3.13 16.67
N MET B 43 -17.31 2.54 16.37
CA MET B 43 -16.49 2.97 15.24
C MET B 43 -17.06 2.41 13.94
N VAL B 44 -17.33 3.29 12.98
CA VAL B 44 -17.94 2.88 11.72
C VAL B 44 -16.88 2.57 10.67
N ILE B 45 -15.97 3.50 10.42
CA ILE B 45 -14.93 3.32 9.41
C ILE B 45 -13.85 4.36 9.66
N GLU B 46 -12.63 4.07 9.17
CA GLU B 46 -11.54 5.02 9.21
C GLU B 46 -11.43 5.72 7.86
N TYR B 47 -11.17 7.02 7.90
CA TYR B 47 -10.90 7.79 6.69
C TYR B 47 -9.43 7.58 6.36
N ALA B 48 -9.15 6.55 5.55
CA ALA B 48 -7.79 6.14 5.25
C ALA B 48 -7.23 6.95 4.08
N GLY B 49 -5.90 7.03 4.03
CA GLY B 49 -5.24 7.74 2.96
C GLY B 49 -3.77 7.95 3.27
N ILE B 50 -3.16 8.87 2.54
CA ILE B 50 -1.75 9.21 2.74
C ILE B 50 -1.68 10.38 3.73
N VAL B 51 -1.02 10.15 4.87
CA VAL B 51 -0.90 11.17 5.90
C VAL B 51 0.27 12.08 5.54
N ILE B 52 -0.03 13.34 5.24
CA ILE B 52 0.97 14.31 4.80
C ILE B 52 0.99 15.48 5.76
N ARG B 53 2.10 16.22 5.73
CA ARG B 53 2.16 17.48 6.47
C ARG B 53 1.26 18.51 5.79
N SER B 54 0.57 19.31 6.61
CA SER B 54 -0.43 20.24 6.10
C SER B 54 0.16 21.27 5.14
N ILE B 55 1.47 21.54 5.23
CA ILE B 55 2.10 22.47 4.31
C ILE B 55 2.09 21.94 2.87
N LEU B 56 1.93 20.64 2.68
CA LEU B 56 1.95 20.05 1.35
C LEU B 56 0.59 20.05 0.66
N THR B 57 -0.50 20.27 1.40
CA THR B 57 -1.83 20.24 0.79
C THR B 57 -1.96 21.26 -0.33
N ASP B 58 -1.34 22.43 -0.21
CA ASP B 58 -1.50 23.42 -1.27
C ASP B 58 -0.69 23.08 -2.50
N LYS B 59 0.49 22.46 -2.33
CA LYS B 59 1.20 21.90 -3.48
C LYS B 59 0.40 20.74 -4.08
N ARG B 60 -0.28 19.97 -3.23
CA ARG B 60 -1.05 18.83 -3.69
C ARG B 60 -2.30 19.26 -4.45
N GLU B 61 -3.00 20.28 -3.94
CA GLU B 61 -4.30 20.63 -4.49
C GLU B 61 -4.20 21.19 -5.91
N LYS B 62 -3.18 22.03 -6.16
CA LYS B 62 -2.99 22.56 -7.51
C LYS B 62 -2.56 21.48 -8.49
N TYR B 63 -1.86 20.44 -8.00
CA TYR B 63 -1.47 19.34 -8.87
C TYR B 63 -2.68 18.51 -9.31
N TYR B 64 -3.63 18.30 -8.40
CA TYR B 64 -4.80 17.50 -8.73
C TYR B 64 -5.67 18.21 -9.77
N ASP B 65 -5.75 19.53 -9.69
CA ASP B 65 -6.45 20.29 -10.72
C ASP B 65 -5.83 20.07 -12.10
N SER B 66 -4.49 20.08 -12.15
CA SER B 66 -3.80 19.96 -13.44
C SER B 66 -4.08 18.62 -14.11
N LYS B 67 -4.43 17.59 -13.33
CA LYS B 67 -4.86 16.33 -13.90
C LYS B 67 -6.37 16.22 -14.02
N GLY B 68 -7.12 17.17 -13.46
CA GLY B 68 -8.56 17.25 -13.66
C GLY B 68 -9.40 16.60 -12.58
N ILE B 69 -8.80 15.98 -11.57
CA ILE B 69 -9.58 15.39 -10.48
C ILE B 69 -10.38 16.49 -9.80
N GLY B 70 -11.70 16.32 -9.76
CA GLY B 70 -12.58 17.38 -9.30
C GLY B 70 -12.65 17.58 -7.81
N SER B 71 -13.29 16.65 -7.09
CA SER B 71 -13.59 16.86 -5.69
C SER B 71 -12.34 16.73 -4.82
N SER B 72 -12.31 17.50 -3.75
CA SER B 72 -11.26 17.36 -2.74
C SER B 72 -11.50 16.12 -1.91
N TYR B 73 -10.41 15.40 -1.59
CA TYR B 73 -10.49 14.20 -0.77
C TYR B 73 -9.52 14.28 0.40
N MET B 74 -9.13 15.49 0.77
CA MET B 74 -8.24 15.73 1.89
C MET B 74 -9.08 16.08 3.10
N PHE B 75 -8.73 15.49 4.23
CA PHE B 75 -9.44 15.67 5.51
C PHE B 75 -8.38 16.07 6.52
N ARG B 76 -8.65 17.09 7.31
CA ARG B 76 -7.61 17.66 8.20
C ARG B 76 -7.66 17.08 9.60
N ILE B 77 -6.56 16.46 10.01
CA ILE B 77 -6.40 15.93 11.39
C ILE B 77 -6.25 17.05 12.40
N ASP B 78 -5.39 18.00 12.11
CA ASP B 78 -5.08 19.07 13.07
C ASP B 78 -4.32 20.16 12.34
N ASP B 79 -3.58 20.95 13.09
CA ASP B 79 -2.72 22.03 12.57
C ASP B 79 -1.55 21.44 11.77
N SER B 80 -1.10 20.23 12.06
CA SER B 80 0.11 19.72 11.40
C SER B 80 -0.11 18.66 10.32
N GLU B 81 -1.24 18.00 10.27
CA GLU B 81 -1.36 16.88 9.35
C GLU B 81 -2.72 16.88 8.65
N VAL B 82 -2.74 16.26 7.48
CA VAL B 82 -3.94 16.09 6.67
C VAL B 82 -3.88 14.72 6.02
N VAL B 83 -5.02 14.03 5.98
CA VAL B 83 -5.12 12.74 5.31
C VAL B 83 -5.51 12.97 3.86
N ASP B 84 -4.59 12.69 2.94
CA ASP B 84 -4.84 12.83 1.51
C ASP B 84 -5.32 11.48 0.99
N ALA B 85 -6.62 11.36 0.74
CA ALA B 85 -7.22 10.15 0.21
C ALA B 85 -7.59 10.27 -1.27
N THR B 86 -6.98 11.23 -1.97
CA THR B 86 -7.35 11.48 -3.36
C THR B 86 -6.92 10.32 -4.27
N MET B 87 -5.70 9.81 -4.09
CA MET B 87 -5.19 8.73 -4.91
C MET B 87 -5.22 7.38 -4.19
N HIS B 88 -5.00 7.37 -2.87
CA HIS B 88 -5.04 6.15 -2.07
C HIS B 88 -6.03 6.36 -0.93
N GLY B 89 -7.02 5.49 -0.85
CA GLY B 89 -8.01 5.61 0.20
C GLY B 89 -8.84 4.35 0.31
N ASN B 90 -10.01 4.50 0.96
CA ASN B 90 -10.92 3.39 1.16
C ASN B 90 -12.35 3.89 0.89
N ALA B 91 -13.33 3.10 1.32
CA ALA B 91 -14.73 3.42 1.06
C ALA B 91 -15.22 4.63 1.83
N ALA B 92 -14.43 5.16 2.76
CA ALA B 92 -14.81 6.38 3.47
C ALA B 92 -14.86 7.60 2.56
N ARG B 93 -14.28 7.51 1.35
CA ARG B 93 -14.36 8.61 0.41
C ARG B 93 -15.80 8.91 0.00
N PHE B 94 -16.67 7.90 0.03
CA PHE B 94 -18.03 8.00 -0.50
C PHE B 94 -19.03 8.46 0.55
N ILE B 95 -18.58 8.91 1.73
CA ILE B 95 -19.49 9.34 2.78
C ILE B 95 -19.96 10.75 2.48
N ASN B 96 -21.26 10.90 2.21
CA ASN B 96 -21.82 12.20 1.89
C ASN B 96 -22.05 13.01 3.16
N HIS B 97 -22.28 14.30 2.98
CA HIS B 97 -22.50 15.24 4.07
C HIS B 97 -23.98 15.32 4.40
N SER B 98 -24.26 15.56 5.68
CA SER B 98 -25.62 15.83 6.11
C SER B 98 -25.59 16.95 7.13
N CYS B 99 -26.55 17.87 7.02
CA CYS B 99 -26.76 18.82 8.11
C CYS B 99 -27.37 18.22 9.37
N GLU B 100 -28.00 17.02 9.34
CA GLU B 100 -28.51 16.36 10.55
C GLU B 100 -28.01 14.92 10.49
N PRO B 101 -26.72 14.72 10.72
CA PRO B 101 -26.09 13.45 10.37
C PRO B 101 -26.17 12.46 11.52
N ASN B 102 -25.85 11.21 11.18
CA ASN B 102 -25.87 10.12 12.13
C ASN B 102 -24.47 9.68 12.56
N CYS B 103 -23.42 10.29 12.00
CA CYS B 103 -22.06 9.97 12.38
C CYS B 103 -21.26 11.24 12.56
N TYR B 104 -20.11 11.12 13.23
CA TYR B 104 -19.22 12.25 13.44
C TYR B 104 -17.78 11.78 13.30
N SER B 105 -16.93 12.67 12.78
CA SER B 105 -15.51 12.39 12.65
C SER B 105 -14.78 12.80 13.93
N ARG B 106 -13.68 12.12 14.22
CA ARG B 106 -12.94 12.35 15.45
C ARG B 106 -11.56 11.73 15.33
N VAL B 107 -10.55 12.42 15.82
CA VAL B 107 -9.16 12.00 15.70
C VAL B 107 -8.77 11.18 16.92
N ILE B 108 -8.17 10.01 16.70
CA ILE B 108 -7.66 9.18 17.77
C ILE B 108 -6.16 8.96 17.54
N ASN B 109 -5.45 8.70 18.63
CA ASN B 109 -4.00 8.52 18.61
C ASN B 109 -3.68 7.05 18.85
N ILE B 110 -3.02 6.42 17.87
CA ILE B 110 -2.63 5.02 17.94
C ILE B 110 -1.13 4.95 17.75
N ASP B 111 -0.39 4.79 18.86
CA ASP B 111 1.06 4.60 18.83
C ASP B 111 1.76 5.80 18.19
N GLY B 112 1.43 7.00 18.67
CA GLY B 112 2.06 8.20 18.18
C GLY B 112 1.65 8.64 16.79
N GLN B 113 0.69 7.95 16.17
CA GLN B 113 0.19 8.29 14.86
C GLN B 113 -1.31 8.55 14.95
N LYS B 114 -1.76 9.63 14.33
CA LYS B 114 -3.16 10.05 14.43
C LYS B 114 -3.97 9.48 13.27
N HIS B 115 -5.19 9.07 13.58
CA HIS B 115 -6.12 8.54 12.57
C HIS B 115 -7.44 9.28 12.69
N ILE B 116 -8.18 9.32 11.58
CA ILE B 116 -9.49 9.96 11.53
C ILE B 116 -10.53 8.84 11.39
N VAL B 117 -11.28 8.60 12.46
CA VAL B 117 -12.25 7.52 12.52
C VAL B 117 -13.63 8.11 12.67
N ILE B 118 -14.59 7.55 11.95
CA ILE B 118 -15.99 7.99 11.99
C ILE B 118 -16.72 7.16 13.04
N PHE B 119 -17.35 7.83 14.01
CA PHE B 119 -18.10 7.17 15.07
C PHE B 119 -19.60 7.37 14.85
N ALA B 120 -20.38 6.43 15.35
CA ALA B 120 -21.83 6.51 15.25
C ALA B 120 -22.37 7.48 16.29
N MET B 121 -23.01 8.55 15.85
CA MET B 121 -23.63 9.50 16.77
C MET B 121 -24.72 8.82 17.59
N ARG B 122 -25.61 8.08 16.91
CA ARG B 122 -26.70 7.38 17.55
C ARG B 122 -26.71 5.92 17.09
N LYS B 123 -27.75 5.18 17.46
CA LYS B 123 -27.91 3.84 16.92
C LYS B 123 -28.34 3.91 15.46
N ILE B 124 -27.57 3.26 14.60
CA ILE B 124 -27.82 3.26 13.17
C ILE B 124 -28.27 1.87 12.75
N TYR B 125 -29.36 1.81 12.00
CA TYR B 125 -29.91 0.54 11.53
C TYR B 125 -29.46 0.27 10.09
N ARG B 126 -29.35 -1.01 9.76
CA ARG B 126 -29.15 -1.46 8.39
C ARG B 126 -30.08 -0.76 7.40
N GLY B 127 -29.51 -0.38 6.26
CA GLY B 127 -30.20 0.32 5.21
C GLY B 127 -29.94 1.81 5.17
N GLU B 128 -29.59 2.40 6.31
CA GLU B 128 -29.35 3.83 6.40
C GLU B 128 -28.11 4.23 5.62
N GLU B 129 -28.08 5.50 5.23
CA GLU B 129 -26.89 6.09 4.63
C GLU B 129 -26.04 6.72 5.72
N LEU B 130 -24.76 6.38 5.74
CA LEU B 130 -23.84 6.92 6.73
C LEU B 130 -23.38 8.31 6.30
N THR B 131 -23.62 9.31 7.14
CA THR B 131 -23.25 10.69 6.84
C THR B 131 -22.65 11.34 8.08
N TYR B 132 -21.78 12.31 7.85
CA TYR B 132 -21.27 13.16 8.92
C TYR B 132 -21.22 14.60 8.42
N ASP B 133 -21.12 15.53 9.36
CA ASP B 133 -20.96 16.94 9.01
C ASP B 133 -19.55 17.17 8.49
N TYR B 134 -19.43 17.51 7.21
CA TYR B 134 -18.12 17.79 6.63
C TYR B 134 -17.41 18.92 7.38
N LYS B 135 -18.17 19.92 7.82
CA LYS B 135 -17.62 21.09 8.52
C LYS B 135 -16.58 21.82 7.66
N PHE B 136 -16.98 22.14 6.43
CA PHE B 136 -16.13 22.95 5.58
C PHE B 136 -16.10 24.40 6.09
N PRO B 137 -14.97 25.08 5.96
CA PRO B 137 -14.96 26.53 6.19
C PRO B 137 -15.92 27.21 5.23
N ILE B 138 -16.66 28.20 5.77
CA ILE B 138 -17.63 28.91 4.96
C ILE B 138 -16.89 29.76 3.92
N GLU B 139 -17.29 29.63 2.66
CA GLU B 139 -16.61 30.27 1.55
C GLU B 139 -17.44 31.41 0.98
N ASP B 140 -17.00 31.94 -0.15
CA ASP B 140 -17.68 33.05 -0.80
C ASP B 140 -19.01 32.59 -1.40
N ALA B 141 -19.78 33.57 -1.88
CA ALA B 141 -20.94 33.24 -2.70
C ALA B 141 -20.51 32.45 -3.93
N SER B 142 -19.40 32.85 -4.55
CA SER B 142 -18.74 31.99 -5.52
C SER B 142 -18.00 30.86 -4.78
N ASN B 143 -17.90 29.71 -5.46
CA ASN B 143 -17.40 28.49 -4.84
C ASN B 143 -18.23 28.13 -3.60
N LYS B 144 -19.55 28.30 -3.70
CA LYS B 144 -20.50 27.87 -2.69
C LYS B 144 -21.49 26.92 -3.35
N LEU B 145 -21.26 25.64 -3.19
CA LEU B 145 -22.02 24.50 -3.67
C LEU B 145 -23.03 23.99 -2.65
N PRO B 146 -24.24 23.72 -3.13
CA PRO B 146 -25.39 23.53 -2.24
C PRO B 146 -25.43 22.14 -1.62
N CYS B 147 -26.35 22.00 -0.67
CA CYS B 147 -26.54 20.75 0.06
C CYS B 147 -27.89 20.15 -0.32
N ASN B 148 -27.91 18.82 -0.47
CA ASN B 148 -29.11 18.07 -0.82
C ASN B 148 -29.11 16.81 0.06
N CYS B 149 -29.07 17.03 1.37
CA CYS B 149 -29.13 15.93 2.32
C CYS B 149 -30.55 15.54 2.69
N GLY B 150 -31.53 16.39 2.38
CA GLY B 150 -32.91 16.10 2.69
C GLY B 150 -33.30 16.31 4.13
N ALA B 151 -32.37 16.71 5.00
CA ALA B 151 -32.70 16.96 6.38
C ALA B 151 -33.66 18.14 6.51
N LYS B 152 -34.60 18.04 7.44
CA LYS B 152 -35.59 19.09 7.62
C LYS B 152 -34.99 20.38 8.18
N LYS B 153 -33.76 20.33 8.68
CA LYS B 153 -33.08 21.53 9.12
C LYS B 153 -31.79 21.71 8.33
N CYS B 154 -31.90 21.58 7.01
CA CYS B 154 -30.73 21.62 6.14
C CYS B 154 -30.23 23.05 5.97
N ARG B 155 -28.93 23.25 6.14
CA ARG B 155 -28.33 24.57 5.97
C ARG B 155 -28.36 25.03 4.52
N LYS B 156 -28.56 24.11 3.58
CA LYS B 156 -28.73 24.29 2.14
C LYS B 156 -27.38 24.44 1.43
N PHE B 157 -26.27 24.64 2.14
CA PHE B 157 -24.95 24.68 1.53
C PHE B 157 -23.98 23.85 2.34
N LEU B 158 -23.05 23.18 1.63
CA LEU B 158 -21.97 22.49 2.31
C LEU B 158 -20.93 23.46 2.85
N ASN B 159 -20.89 24.67 2.33
CA ASN B 159 -19.90 25.67 2.73
C ASN B 159 -20.45 26.57 3.84
N ASP C 6 -10.44 4.58 -9.71
CA ASP C 6 -10.28 6.02 -9.52
C ASP C 6 -9.42 6.50 -8.36
N PHE C 7 -9.36 5.71 -7.30
CA PHE C 7 -8.25 5.68 -6.40
C PHE C 7 -7.71 4.26 -6.27
N LYS C 8 -6.55 4.11 -5.68
CA LYS C 8 -6.12 2.81 -5.24
C LYS C 8 -6.58 2.46 -3.85
N GLU C 9 -7.12 1.27 -3.67
CA GLU C 9 -7.68 0.88 -2.41
C GLU C 9 -6.62 0.80 -1.40
N LEU C 10 -6.98 1.12 -0.20
CA LEU C 10 -5.95 1.11 0.84
C LEU C 10 -6.60 0.62 2.11
N ASP C 11 -5.89 -0.11 2.95
CA ASP C 11 -6.56 -0.60 4.18
C ASP C 11 -6.08 0.24 5.35
N GLU C 12 -4.77 0.34 5.53
CA GLU C 12 -4.17 1.10 6.61
C GLU C 12 -3.64 2.44 6.10
N ASN C 13 -3.53 3.41 7.02
CA ASN C 13 -2.94 4.69 6.67
C ASN C 13 -1.47 4.52 6.30
N VAL C 14 -1.00 5.37 5.41
CA VAL C 14 0.40 5.40 4.99
C VAL C 14 0.96 6.80 5.26
N GLU C 15 2.09 6.86 5.95
CA GLU C 15 2.77 8.13 6.17
C GLU C 15 3.59 8.47 4.93
N TYR C 16 3.30 9.63 4.34
CA TYR C 16 4.08 10.10 3.20
C TYR C 16 5.52 10.34 3.63
N GLU C 17 6.46 9.68 2.97
CA GLU C 17 7.88 9.90 3.23
C GLU C 17 8.38 10.92 2.23
N GLU C 18 8.48 12.17 2.67
CA GLU C 18 8.94 13.24 1.80
C GLU C 18 10.37 12.98 1.33
N ARG C 19 10.65 13.35 0.10
CA ARG C 19 12.00 13.28 -0.43
C ARG C 19 12.74 14.58 -0.10
N GLU C 20 14.07 14.53 -0.21
CA GLU C 20 14.88 15.69 0.16
C GLU C 20 14.54 16.92 -0.67
N SER C 21 14.18 16.73 -1.94
CA SER C 21 13.84 17.84 -2.84
C SER C 21 12.34 18.08 -2.89
N GLU C 22 11.61 17.79 -1.82
CA GLU C 22 10.15 17.88 -1.84
C GLU C 22 9.69 19.30 -2.16
N PHE C 23 10.40 20.30 -1.64
CA PHE C 23 10.03 21.70 -1.79
C PHE C 23 10.94 22.43 -2.76
N ASP C 24 11.37 21.75 -3.82
CA ASP C 24 12.32 22.31 -4.77
C ASP C 24 11.69 22.51 -6.13
N ILE C 25 12.08 23.59 -6.80
CA ILE C 25 11.58 23.90 -8.13
C ILE C 25 12.07 22.88 -9.15
N ALA D 1 -6.91 23.86 0.66
CA ALA D 1 -8.03 24.76 0.94
C ALA D 1 -9.14 23.98 1.63
N ARG D 2 -9.95 23.43 0.73
CA ARG D 2 -11.17 22.63 0.93
C ARG D 2 -10.78 21.25 1.45
N THR D 3 -10.56 21.18 2.74
CA THR D 3 -10.38 19.87 3.41
C THR D 3 -11.49 19.79 4.44
N GLN D 5 -13.05 19.02 8.14
CA GLN D 5 -12.46 19.29 9.45
C GLN D 5 -13.14 18.42 10.51
N THR D 6 -12.45 18.19 11.61
CA THR D 6 -13.03 17.36 12.68
C THR D 6 -13.80 18.25 13.65
N ALA D 7 -13.66 19.56 13.50
CA ALA D 7 -14.43 20.62 14.18
C ALA D 7 -14.23 21.92 13.40
N ARG D 8 -15.07 22.93 13.61
CA ARG D 8 -14.78 24.18 12.87
C ARG D 8 -14.15 25.22 13.82
#